data_8GZI
#
_entry.id   8GZI
#
_cell.length_a   98.024
_cell.length_b   98.024
_cell.length_c   80.257
_cell.angle_alpha   90.000
_cell.angle_beta   90.000
_cell.angle_gamma   120.000
#
_symmetry.space_group_name_H-M   'P 31 2 1'
#
loop_
_entity.id
_entity.type
_entity.pdbx_description
1 polymer ApiI
2 non-polymer S-ADENOSYL-L-HOMOCYSTEINE
3 non-polymer GLYCEROL
4 non-polymer 1,2-ETHANEDIOL
5 water water
#
_entity_poly.entity_id   1
_entity_poly.type   'polypeptide(L)'
_entity_poly.pdbx_seq_one_letter_code
;MTSSPATASPAVADQLDSLAALLTSRAQAVRNGAAVPPQQHVQLVKGLKDAAGLVNEAREDLGDLMMSFVQVTALRLLIK
WKVFEAIPLEGTISYADVAARVGIDVNLITRLSWVLVATGVLKQDGSDKIQHTARSRPYASRNPLSAMMIIGFDEYLPAL
LAMPGYFDTYGKKEPFGEKHTVKAFSEGNPELTVNQILASSPERLGNMTLAMAAMENMYPLSGVYDFSWVAAKAASDSNR
PLIVDVGGAKGHTLQAICKDTPALPIERCVLEDLPRVIQVVKDTSDAGAQAPQLLGMDFNQEQPVKGAVVYLIRRCLHDY
SDEQCVRILGHLAAAMAADSVLLIGETVLTNPPSRPTAMMDILLATIGGKERTIDAFGAVVGRAGLRIKGVCKQEGGDFS
YIECVKA
;
_entity_poly.pdbx_strand_id   A
#
# COMPACT_ATOMS: atom_id res chain seq x y z
N ALA A 13 25.94 -9.56 -20.44
CA ALA A 13 24.50 -9.77 -20.46
C ALA A 13 24.15 -11.24 -20.65
N ASP A 14 25.09 -12.00 -21.21
CA ASP A 14 24.84 -13.40 -21.56
C ASP A 14 24.64 -14.29 -20.34
N GLN A 15 25.02 -13.83 -19.15
CA GLN A 15 24.84 -14.63 -17.95
C GLN A 15 23.38 -14.63 -17.49
N LEU A 16 22.75 -13.44 -17.41
CA LEU A 16 21.35 -13.40 -17.02
C LEU A 16 20.49 -14.19 -18.01
N ASP A 17 20.79 -14.05 -19.31
CA ASP A 17 20.16 -14.90 -20.31
C ASP A 17 20.29 -16.37 -19.95
N SER A 18 21.46 -16.77 -19.47
CA SER A 18 21.67 -18.15 -19.06
C SER A 18 20.95 -18.46 -17.75
N LEU A 19 21.07 -17.56 -16.77
CA LEU A 19 20.36 -17.72 -15.51
C LEU A 19 18.88 -17.99 -15.76
N ALA A 20 18.23 -17.10 -16.52
CA ALA A 20 16.81 -17.29 -16.82
C ALA A 20 16.57 -18.56 -17.63
N ALA A 21 17.51 -18.92 -18.52
CA ALA A 21 17.34 -20.11 -19.34
C ALA A 21 17.36 -21.37 -18.50
N LEU A 22 18.23 -21.43 -17.49
CA LEU A 22 18.21 -22.55 -16.56
C LEU A 22 16.98 -22.49 -15.66
N LEU A 23 16.47 -21.29 -15.39
CA LEU A 23 15.23 -21.16 -14.63
C LEU A 23 14.04 -21.70 -15.43
N THR A 24 13.98 -21.39 -16.73
CA THR A 24 12.91 -21.90 -17.59
C THR A 24 13.06 -23.39 -17.88
N SER A 25 14.26 -23.94 -17.73
CA SER A 25 14.44 -25.39 -17.88
C SER A 25 13.74 -26.13 -16.74
N ARG A 26 13.97 -25.70 -15.51
CA ARG A 26 13.27 -26.28 -14.36
C ARG A 26 11.78 -26.01 -14.43
N ALA A 27 11.38 -24.87 -15.01
CA ALA A 27 9.96 -24.56 -15.13
C ALA A 27 9.23 -25.59 -15.99
N GLN A 28 9.91 -26.19 -16.95
CA GLN A 28 9.31 -27.24 -17.77
C GLN A 28 9.47 -28.60 -17.10
N VAL A 42 10.09 -14.58 -5.96
CA VAL A 42 10.41 -13.16 -5.82
C VAL A 42 11.30 -12.73 -6.98
N GLN A 43 12.10 -13.68 -7.48
CA GLN A 43 12.92 -13.46 -8.66
C GLN A 43 12.74 -14.55 -9.70
N LEU A 44 11.82 -15.50 -9.48
CA LEU A 44 11.45 -16.44 -10.54
C LEU A 44 11.02 -15.70 -11.80
N VAL A 45 10.37 -14.54 -11.63
CA VAL A 45 9.85 -13.74 -12.74
C VAL A 45 10.47 -12.36 -12.81
N LYS A 46 11.33 -11.99 -11.86
CA LYS A 46 12.03 -10.71 -11.98
C LYS A 46 12.99 -10.75 -13.17
N GLY A 47 13.77 -11.82 -13.29
CA GLY A 47 14.68 -11.94 -14.42
C GLY A 47 13.96 -11.91 -15.75
N LEU A 48 12.70 -12.38 -15.78
CA LEU A 48 11.90 -12.29 -16.98
C LEU A 48 11.56 -10.84 -17.33
N LYS A 49 11.46 -9.96 -16.33
CA LYS A 49 11.29 -8.53 -16.60
C LYS A 49 12.58 -7.92 -17.13
N ASP A 50 13.71 -8.25 -16.52
CA ASP A 50 14.99 -7.67 -16.94
C ASP A 50 15.40 -8.21 -18.30
N ALA A 51 15.15 -9.50 -18.57
CA ALA A 51 15.43 -10.04 -19.89
C ALA A 51 14.63 -9.31 -20.96
N ALA A 52 13.33 -9.09 -20.71
CA ALA A 52 12.49 -8.33 -21.62
C ALA A 52 13.06 -6.93 -21.85
N GLY A 53 13.49 -6.28 -20.77
CA GLY A 53 14.08 -4.96 -20.91
C GLY A 53 15.27 -4.97 -21.85
N LEU A 54 16.21 -5.90 -21.63
CA LEU A 54 17.43 -5.95 -22.43
C LEU A 54 17.11 -6.03 -23.92
N VAL A 55 16.34 -7.03 -24.32
CA VAL A 55 16.18 -7.32 -25.75
C VAL A 55 15.37 -6.24 -26.44
N ASN A 56 14.42 -5.62 -25.74
CA ASN A 56 13.53 -4.66 -26.38
C ASN A 56 14.25 -3.36 -26.68
N GLU A 57 13.97 -2.79 -27.85
CA GLU A 57 14.42 -1.44 -28.17
C GLU A 57 13.32 -0.46 -27.78
N ALA A 58 13.55 0.84 -28.00
CA ALA A 58 12.61 1.85 -27.53
C ALA A 58 11.24 1.70 -28.18
N ARG A 59 11.20 1.37 -29.49
CA ARG A 59 9.90 1.28 -30.16
C ARG A 59 9.10 0.08 -29.68
N GLU A 60 9.78 -1.01 -29.29
CA GLU A 60 9.05 -2.11 -28.68
C GLU A 60 8.58 -1.75 -27.28
N ASP A 61 9.40 -0.97 -26.55
CA ASP A 61 8.98 -0.46 -25.24
C ASP A 61 7.71 0.36 -25.34
N LEU A 62 7.64 1.27 -26.33
CA LEU A 62 6.48 2.15 -26.40
C LEU A 62 5.20 1.38 -26.72
N GLY A 63 5.26 0.41 -27.64
CA GLY A 63 4.08 -0.38 -27.93
C GLY A 63 3.63 -1.21 -26.75
N ASP A 64 4.59 -1.77 -26.01
CA ASP A 64 4.29 -2.50 -24.77
C ASP A 64 3.61 -1.59 -23.75
N LEU A 65 4.15 -0.38 -23.53
CA LEU A 65 3.52 0.55 -22.60
C LEU A 65 2.09 0.83 -23.04
N MET A 66 1.89 1.15 -24.33
CA MET A 66 0.56 1.48 -24.82
C MET A 66 -0.39 0.30 -24.68
N MET A 67 0.12 -0.91 -24.88
CA MET A 67 -0.71 -2.09 -24.69
C MET A 67 -1.17 -2.19 -23.23
N SER A 68 -0.30 -1.81 -22.28
CA SER A 68 -0.67 -1.81 -20.87
C SER A 68 -1.85 -0.90 -20.62
N PHE A 69 -1.82 0.32 -21.17
CA PHE A 69 -2.95 1.23 -20.96
C PHE A 69 -4.24 0.67 -21.55
N VAL A 70 -4.17 0.06 -22.73
CA VAL A 70 -5.39 -0.47 -23.33
C VAL A 70 -5.88 -1.68 -22.54
N GLN A 71 -4.96 -2.52 -22.08
CA GLN A 71 -5.30 -3.69 -21.27
C GLN A 71 -6.00 -3.27 -19.98
N VAL A 72 -5.43 -2.30 -19.23
CA VAL A 72 -6.09 -1.88 -17.99
C VAL A 72 -7.46 -1.30 -18.29
N THR A 73 -7.61 -0.58 -19.42
CA THR A 73 -8.90 0.02 -19.76
C THR A 73 -9.95 -1.04 -20.03
N ALA A 74 -9.59 -2.06 -20.82
CA ALA A 74 -10.48 -3.20 -21.05
C ALA A 74 -10.84 -3.87 -19.74
N LEU A 75 -9.84 -4.10 -18.86
CA LEU A 75 -10.10 -4.67 -17.54
C LEU A 75 -11.13 -3.85 -16.78
N ARG A 76 -10.92 -2.54 -16.71
CA ARG A 76 -11.80 -1.68 -15.92
C ARG A 76 -13.21 -1.70 -16.46
N LEU A 77 -13.36 -1.64 -17.79
CA LEU A 77 -14.70 -1.59 -18.38
C LEU A 77 -15.41 -2.92 -18.21
N LEU A 78 -14.71 -4.03 -18.42
CA LEU A 78 -15.37 -5.33 -18.32
C LEU A 78 -15.75 -5.65 -16.88
N ILE A 79 -14.98 -5.14 -15.91
CA ILE A 79 -15.40 -5.20 -14.52
C ILE A 79 -16.62 -4.34 -14.29
N LYS A 80 -16.53 -3.07 -14.70
CA LYS A 80 -17.66 -2.16 -14.56
C LYS A 80 -18.95 -2.73 -15.18
N TRP A 81 -18.87 -3.30 -16.38
CA TRP A 81 -20.06 -3.77 -17.09
C TRP A 81 -20.50 -5.17 -16.67
N LYS A 82 -19.88 -5.74 -15.64
CA LYS A 82 -20.29 -7.06 -15.12
C LYS A 82 -20.04 -8.17 -16.14
N VAL A 83 -19.12 -7.95 -17.06
CA VAL A 83 -18.82 -8.96 -18.07
C VAL A 83 -18.11 -10.16 -17.45
N PHE A 84 -17.10 -9.90 -16.62
CA PHE A 84 -16.39 -11.01 -15.99
C PHE A 84 -17.33 -11.87 -15.16
N GLU A 85 -18.32 -11.23 -14.53
CA GLU A 85 -19.36 -11.92 -13.79
C GLU A 85 -20.23 -12.76 -14.70
N ALA A 86 -20.50 -12.28 -15.92
CA ALA A 86 -21.31 -13.02 -16.87
C ALA A 86 -20.58 -14.24 -17.41
N ILE A 87 -19.25 -14.26 -17.37
CA ILE A 87 -18.47 -15.38 -17.91
C ILE A 87 -18.31 -16.41 -16.81
N PRO A 88 -18.75 -17.65 -17.01
CA PRO A 88 -18.64 -18.67 -15.96
C PRO A 88 -17.18 -18.91 -15.60
N LEU A 89 -16.94 -19.14 -14.31
CA LEU A 89 -15.58 -19.49 -13.85
C LEU A 89 -15.02 -20.66 -14.63
N GLU A 90 -15.86 -21.62 -15.01
CA GLU A 90 -15.40 -22.75 -15.79
C GLU A 90 -16.31 -22.93 -17.00
N GLY A 91 -15.73 -23.42 -18.08
CA GLY A 91 -16.49 -23.58 -19.30
C GLY A 91 -16.47 -22.36 -20.18
N THR A 92 -17.30 -22.41 -21.21
CA THR A 92 -17.26 -21.51 -22.35
C THR A 92 -18.61 -20.80 -22.50
N ILE A 93 -18.56 -19.55 -22.97
CA ILE A 93 -19.79 -18.81 -23.29
C ILE A 93 -19.51 -17.96 -24.52
N SER A 94 -20.51 -17.88 -25.41
CA SER A 94 -20.38 -17.10 -26.63
C SER A 94 -20.38 -15.61 -26.32
N TYR A 95 -19.68 -14.85 -27.16
CA TYR A 95 -19.72 -13.39 -27.06
C TYR A 95 -21.15 -12.89 -27.10
N ALA A 96 -21.95 -13.43 -28.04
CA ALA A 96 -23.37 -13.07 -28.12
C ALA A 96 -24.08 -13.28 -26.79
N ASP A 97 -23.90 -14.45 -26.16
CA ASP A 97 -24.61 -14.70 -24.92
C ASP A 97 -24.13 -13.76 -23.82
N VAL A 98 -22.82 -13.52 -23.77
CA VAL A 98 -22.30 -12.55 -22.80
C VAL A 98 -22.96 -11.20 -23.00
N ALA A 99 -22.95 -10.71 -24.25
CA ALA A 99 -23.50 -9.39 -24.53
C ALA A 99 -24.97 -9.31 -24.19
N ALA A 100 -25.72 -10.39 -24.44
CA ALA A 100 -27.13 -10.40 -24.06
C ALA A 100 -27.30 -10.39 -22.55
N ARG A 101 -26.43 -11.09 -21.81
CA ARG A 101 -26.56 -11.08 -20.35
C ARG A 101 -26.33 -9.69 -19.78
N VAL A 102 -25.33 -8.97 -20.27
CA VAL A 102 -25.01 -7.65 -19.73
C VAL A 102 -25.69 -6.53 -20.50
N GLY A 103 -26.40 -6.83 -21.59
CA GLY A 103 -27.18 -5.83 -22.28
C GLY A 103 -26.38 -4.79 -23.04
N ILE A 104 -25.28 -5.21 -23.67
CA ILE A 104 -24.33 -4.30 -24.29
C ILE A 104 -24.02 -4.76 -25.71
N ASP A 105 -23.89 -3.80 -26.62
CA ASP A 105 -23.34 -4.00 -27.97
C ASP A 105 -22.31 -5.13 -28.06
N VAL A 106 -22.65 -6.22 -28.77
CA VAL A 106 -21.73 -7.37 -28.87
C VAL A 106 -20.43 -6.99 -29.56
N ASN A 107 -20.44 -5.96 -30.40
CA ASN A 107 -19.21 -5.57 -31.09
C ASN A 107 -18.23 -4.96 -30.13
N LEU A 108 -18.71 -4.07 -29.28
CA LEU A 108 -17.89 -3.47 -28.25
C LEU A 108 -17.39 -4.50 -27.24
N ILE A 109 -18.26 -5.42 -26.81
CA ILE A 109 -17.82 -6.48 -25.91
C ILE A 109 -16.69 -7.28 -26.52
N THR A 110 -16.79 -7.57 -27.83
CA THR A 110 -15.81 -8.42 -28.49
C THR A 110 -14.48 -7.70 -28.61
N ARG A 111 -14.51 -6.43 -29.03
CA ARG A 111 -13.28 -5.69 -29.25
C ARG A 111 -12.47 -5.57 -27.96
N LEU A 112 -13.14 -5.32 -26.84
CA LEU A 112 -12.41 -5.19 -25.57
C LEU A 112 -11.98 -6.55 -25.04
N SER A 113 -12.83 -7.57 -25.16
CA SER A 113 -12.43 -8.92 -24.80
C SER A 113 -11.18 -9.33 -25.57
N TRP A 114 -11.12 -8.96 -26.85
CA TRP A 114 -9.98 -9.32 -27.69
C TRP A 114 -8.67 -8.78 -27.13
N VAL A 115 -8.69 -7.60 -26.48
CA VAL A 115 -7.48 -7.10 -25.83
C VAL A 115 -7.01 -8.09 -24.77
N LEU A 116 -7.96 -8.58 -23.96
CA LEU A 116 -7.64 -9.54 -22.91
C LEU A 116 -7.28 -10.91 -23.48
N VAL A 117 -7.87 -11.29 -24.61
CA VAL A 117 -7.48 -12.55 -25.24
C VAL A 117 -6.03 -12.47 -25.71
N ALA A 118 -5.68 -11.38 -26.40
CA ALA A 118 -4.33 -11.27 -26.95
C ALA A 118 -3.29 -11.17 -25.84
N THR A 119 -3.63 -10.62 -24.69
CA THR A 119 -2.64 -10.56 -23.61
C THR A 119 -2.70 -11.78 -22.71
N GLY A 120 -3.67 -12.66 -22.91
CA GLY A 120 -3.79 -13.87 -22.12
C GLY A 120 -4.55 -13.73 -20.83
N VAL A 121 -5.23 -12.60 -20.62
CA VAL A 121 -6.11 -12.49 -19.46
C VAL A 121 -7.37 -13.32 -19.66
N LEU A 122 -7.92 -13.32 -20.88
CA LEU A 122 -9.02 -14.21 -21.23
C LEU A 122 -8.55 -15.17 -22.30
N LYS A 123 -9.42 -16.12 -22.62
CA LYS A 123 -9.07 -17.16 -23.57
C LYS A 123 -10.26 -17.35 -24.49
N GLN A 124 -10.00 -17.32 -25.79
CA GLN A 124 -11.04 -17.51 -26.79
C GLN A 124 -11.02 -18.97 -27.23
N ASP A 125 -12.20 -19.56 -27.34
CA ASP A 125 -12.36 -20.92 -27.87
C ASP A 125 -13.08 -20.82 -29.21
N GLY A 126 -12.47 -21.35 -30.26
CA GLY A 126 -13.12 -21.19 -31.55
C GLY A 126 -13.11 -19.74 -31.99
N SER A 127 -14.12 -19.36 -32.77
CA SER A 127 -14.20 -18.02 -33.33
C SER A 127 -15.08 -17.08 -32.53
N ASP A 128 -15.85 -17.58 -31.58
CA ASP A 128 -16.97 -16.85 -31.02
C ASP A 128 -17.13 -17.03 -29.51
N LYS A 129 -16.24 -17.76 -28.85
CA LYS A 129 -16.47 -18.18 -27.48
C LYS A 129 -15.34 -17.70 -26.57
N ILE A 130 -15.71 -17.32 -25.35
CA ILE A 130 -14.80 -16.69 -24.40
C ILE A 130 -14.87 -17.46 -23.08
N GLN A 131 -13.78 -17.37 -22.31
CA GLN A 131 -13.69 -18.10 -21.05
C GLN A 131 -12.65 -17.46 -20.14
N HIS A 132 -12.82 -17.70 -18.84
CA HIS A 132 -11.92 -17.20 -17.82
C HIS A 132 -10.59 -17.95 -17.86
N THR A 133 -9.57 -17.31 -17.29
CA THR A 133 -8.30 -17.96 -16.94
C THR A 133 -8.03 -17.71 -15.46
N ALA A 134 -6.94 -18.29 -14.96
CA ALA A 134 -6.51 -18.00 -13.60
C ALA A 134 -6.30 -16.50 -13.40
N ARG A 135 -5.90 -15.79 -14.46
CA ARG A 135 -5.55 -14.38 -14.37
C ARG A 135 -6.75 -13.45 -14.39
N SER A 136 -7.93 -13.97 -14.74
CA SER A 136 -9.14 -13.16 -14.87
C SER A 136 -10.22 -13.49 -13.87
N ARG A 137 -10.21 -14.71 -13.31
CA ARG A 137 -11.20 -15.10 -12.31
C ARG A 137 -11.32 -14.12 -11.16
N PRO A 138 -10.24 -13.54 -10.59
CA PRO A 138 -10.43 -12.58 -9.50
C PRO A 138 -11.33 -11.43 -9.87
N TYR A 139 -11.32 -11.01 -11.13
CA TYR A 139 -12.13 -9.87 -11.52
C TYR A 139 -13.61 -10.19 -11.60
N ALA A 140 -14.00 -11.44 -11.35
CA ALA A 140 -15.40 -11.82 -11.47
C ALA A 140 -16.20 -11.58 -10.18
N SER A 141 -15.59 -10.97 -9.16
CA SER A 141 -16.31 -10.69 -7.92
C SER A 141 -15.71 -9.46 -7.25
N ARG A 142 -16.43 -8.95 -6.26
CA ARG A 142 -15.92 -7.87 -5.42
C ARG A 142 -14.94 -8.47 -4.41
N ASN A 143 -13.70 -8.01 -4.44
CA ASN A 143 -12.69 -8.55 -3.55
C ASN A 143 -11.53 -7.58 -3.53
N PRO A 144 -10.52 -7.75 -2.67
CA PRO A 144 -9.46 -6.73 -2.58
C PRO A 144 -8.66 -6.55 -3.88
N LEU A 145 -8.38 -7.63 -4.60
CA LEU A 145 -7.68 -7.51 -5.88
C LEU A 145 -8.46 -6.63 -6.85
N SER A 146 -9.72 -6.98 -7.13
CA SER A 146 -10.50 -6.18 -8.07
C SER A 146 -10.75 -4.79 -7.53
N ALA A 147 -10.84 -4.63 -6.20
CA ALA A 147 -10.89 -3.29 -5.63
C ALA A 147 -9.63 -2.49 -5.97
N MET A 148 -8.45 -3.13 -5.86
CA MET A 148 -7.19 -2.46 -6.18
C MET A 148 -7.13 -2.04 -7.65
N MET A 149 -7.61 -2.91 -8.54
CA MET A 149 -7.69 -2.55 -9.95
C MET A 149 -8.51 -1.28 -10.14
N ILE A 150 -9.65 -1.18 -9.47
CA ILE A 150 -10.58 -0.08 -9.68
C ILE A 150 -9.99 1.24 -9.17
N ILE A 151 -9.40 1.21 -7.98
CA ILE A 151 -8.87 2.45 -7.43
C ILE A 151 -7.62 2.88 -8.19
N GLY A 152 -6.77 1.93 -8.59
CA GLY A 152 -5.64 2.29 -9.43
C GLY A 152 -6.07 3.07 -10.66
N PHE A 153 -7.07 2.56 -11.38
CA PHE A 153 -7.55 3.21 -12.59
C PHE A 153 -8.27 4.51 -12.27
N ASP A 154 -9.11 4.49 -11.23
CA ASP A 154 -9.94 5.63 -10.88
C ASP A 154 -9.21 6.65 -10.00
N GLU A 155 -8.28 6.22 -9.13
CA GLU A 155 -7.76 7.13 -8.10
C GLU A 155 -6.28 7.44 -8.21
N TYR A 156 -5.58 6.93 -9.22
CA TYR A 156 -4.15 7.21 -9.31
C TYR A 156 -3.75 7.51 -10.74
N LEU A 157 -4.29 6.75 -11.68
CA LEU A 157 -3.98 7.01 -13.09
C LEU A 157 -4.28 8.44 -13.48
N PRO A 158 -5.43 9.05 -13.15
CA PRO A 158 -5.64 10.43 -13.58
C PRO A 158 -4.60 11.36 -13.02
N ALA A 159 -4.13 11.10 -11.79
CA ALA A 159 -3.12 11.95 -11.19
C ALA A 159 -1.81 11.85 -11.96
N LEU A 160 -1.41 10.62 -12.34
CA LEU A 160 -0.18 10.48 -13.10
C LEU A 160 -0.30 11.20 -14.43
N LEU A 161 -1.45 11.04 -15.11
CA LEU A 161 -1.60 11.71 -16.40
C LEU A 161 -1.59 13.22 -16.23
N ALA A 162 -1.98 13.73 -15.07
CA ALA A 162 -1.98 15.17 -14.87
C ALA A 162 -0.63 15.71 -14.44
N MET A 163 0.38 14.85 -14.25
CA MET A 163 1.64 15.33 -13.70
C MET A 163 2.34 16.37 -14.56
N PRO A 164 2.46 16.21 -15.89
CA PRO A 164 3.09 17.29 -16.68
C PRO A 164 2.46 18.66 -16.43
N GLY A 165 1.12 18.75 -16.44
CA GLY A 165 0.47 20.02 -16.18
C GLY A 165 0.58 20.46 -14.74
N TYR A 166 0.58 19.52 -13.80
CA TYR A 166 0.72 19.87 -12.39
C TYR A 166 2.05 20.57 -12.14
N PHE A 167 3.14 20.05 -12.70
CA PHE A 167 4.45 20.62 -12.37
C PHE A 167 4.71 21.93 -13.11
N ASP A 168 4.06 22.13 -14.27
CA ASP A 168 4.07 23.45 -14.88
C ASP A 168 3.32 24.45 -14.03
N THR A 169 2.27 24.00 -13.35
CA THR A 169 1.38 24.91 -12.64
C THR A 169 1.95 25.27 -11.27
N TYR A 170 2.59 24.31 -10.61
CA TYR A 170 3.02 24.49 -9.22
C TYR A 170 4.52 24.55 -9.04
N GLY A 171 5.31 24.40 -10.11
CA GLY A 171 6.75 24.36 -9.97
C GLY A 171 7.26 22.93 -9.99
N LYS A 172 8.41 22.71 -10.60
CA LYS A 172 8.96 21.35 -10.74
C LYS A 172 9.76 21.02 -9.48
N LYS A 173 9.02 20.72 -8.42
CA LYS A 173 9.59 20.26 -7.15
C LYS A 173 8.69 19.19 -6.56
N GLU A 174 9.30 18.35 -5.70
CA GLU A 174 8.63 17.30 -4.93
C GLU A 174 7.35 17.85 -4.35
N PRO A 175 6.21 17.18 -4.57
CA PRO A 175 4.96 17.70 -4.01
C PRO A 175 4.68 17.22 -2.59
N PHE A 176 4.40 18.16 -1.70
CA PHE A 176 4.01 17.88 -0.32
C PHE A 176 2.90 18.84 0.10
N GLY A 177 2.17 18.43 1.12
CA GLY A 177 1.09 19.22 1.69
C GLY A 177 -0.25 18.56 1.38
N GLU A 178 -1.19 18.71 2.29
CA GLU A 178 -2.44 17.98 2.13
C GLU A 178 -3.41 18.65 1.16
N LYS A 179 -3.17 19.89 0.80
CA LYS A 179 -3.95 20.60 -0.19
C LYS A 179 -3.10 20.81 -1.43
N HIS A 180 -3.75 20.94 -2.58
CA HIS A 180 -3.07 21.06 -3.87
C HIS A 180 -2.20 19.83 -4.17
N THR A 181 -2.71 18.65 -3.83
CA THR A 181 -2.06 17.43 -4.26
C THR A 181 -2.20 17.28 -5.78
N VAL A 182 -1.35 16.43 -6.36
CA VAL A 182 -1.55 16.10 -7.77
C VAL A 182 -2.95 15.51 -7.96
N LYS A 183 -3.38 14.71 -7.00
CA LYS A 183 -4.68 14.04 -7.08
C LYS A 183 -5.82 15.06 -7.12
N ALA A 184 -5.85 15.97 -6.14
CA ALA A 184 -6.91 16.99 -6.12
C ALA A 184 -6.86 17.86 -7.36
N PHE A 185 -5.65 18.17 -7.84
CA PHE A 185 -5.50 18.94 -9.07
C PHE A 185 -6.13 18.20 -10.25
N SER A 186 -5.87 16.89 -10.36
CA SER A 186 -6.37 16.13 -11.50
C SER A 186 -7.89 15.98 -11.45
N GLU A 187 -8.49 16.14 -10.28
CA GLU A 187 -9.95 16.09 -10.11
C GLU A 187 -10.61 17.44 -10.30
N GLY A 188 -9.85 18.51 -10.51
CA GLY A 188 -10.42 19.80 -10.75
C GLY A 188 -10.70 20.64 -9.51
N ASN A 189 -10.37 20.18 -8.30
CA ASN A 189 -10.47 21.02 -7.12
C ASN A 189 -9.21 20.91 -6.26
N PRO A 190 -8.15 21.64 -6.64
CA PRO A 190 -6.89 21.55 -5.87
C PRO A 190 -7.02 22.01 -4.43
N GLU A 191 -8.08 22.72 -4.07
CA GLU A 191 -8.19 23.19 -2.70
C GLU A 191 -8.77 22.16 -1.75
N LEU A 192 -9.33 21.07 -2.27
CA LEU A 192 -9.78 20.00 -1.39
C LEU A 192 -8.60 19.10 -1.00
N THR A 193 -8.71 18.53 0.19
CA THR A 193 -7.83 17.43 0.57
C THR A 193 -8.33 16.13 -0.07
N VAL A 194 -7.42 15.15 -0.15
CA VAL A 194 -7.79 13.84 -0.68
C VAL A 194 -8.96 13.25 0.09
N ASN A 195 -8.98 13.47 1.41
CA ASN A 195 -10.06 12.88 2.18
C ASN A 195 -11.36 13.65 1.99
N GLN A 196 -11.30 14.98 1.88
CA GLN A 196 -12.51 15.74 1.57
C GLN A 196 -13.08 15.32 0.22
N ILE A 197 -12.20 15.09 -0.76
CA ILE A 197 -12.60 14.68 -2.09
C ILE A 197 -13.43 13.40 -2.03
N LEU A 198 -13.07 12.49 -1.14
CA LEU A 198 -13.65 11.17 -1.11
C LEU A 198 -14.93 11.11 -0.30
N ALA A 199 -14.96 11.77 0.86
CA ALA A 199 -16.12 11.79 1.76
C ALA A 199 -17.39 12.32 1.09
N SER A 200 -17.26 12.78 -0.14
CA SER A 200 -18.41 13.21 -0.93
C SER A 200 -19.02 12.09 -1.76
N SER A 201 -18.32 10.96 -1.89
CA SER A 201 -18.83 9.80 -2.62
C SER A 201 -18.46 8.54 -1.86
N PRO A 202 -19.38 8.00 -1.06
CA PRO A 202 -19.07 6.79 -0.28
C PRO A 202 -18.76 5.56 -1.14
N GLU A 203 -19.14 5.56 -2.42
CA GLU A 203 -18.74 4.45 -3.28
C GLU A 203 -17.22 4.42 -3.47
N ARG A 204 -16.63 5.59 -3.78
CA ARG A 204 -15.17 5.67 -3.83
C ARG A 204 -14.54 5.33 -2.49
N LEU A 205 -15.16 5.80 -1.39
CA LEU A 205 -14.74 5.36 -0.07
C LEU A 205 -14.71 3.85 0.03
N GLY A 206 -15.82 3.21 -0.36
CA GLY A 206 -15.93 1.77 -0.22
C GLY A 206 -14.84 1.04 -0.98
N ASN A 207 -14.62 1.42 -2.24
CA ASN A 207 -13.59 0.78 -3.05
C ASN A 207 -12.21 0.96 -2.41
N MET A 208 -11.92 2.17 -1.91
CA MET A 208 -10.60 2.42 -1.34
C MET A 208 -10.34 1.56 -0.10
N THR A 209 -11.33 1.49 0.80
CA THR A 209 -11.15 0.73 2.04
C THR A 209 -10.96 -0.76 1.75
N LEU A 210 -11.80 -1.32 0.87
CA LEU A 210 -11.65 -2.74 0.52
C LEU A 210 -10.28 -3.00 -0.11
N ALA A 211 -9.79 -2.07 -0.94
CA ALA A 211 -8.54 -2.30 -1.65
C ALA A 211 -7.35 -2.31 -0.68
N MET A 212 -7.38 -1.42 0.31
CA MET A 212 -6.31 -1.38 1.30
C MET A 212 -6.29 -2.62 2.20
N ALA A 213 -7.37 -3.40 2.22
CA ALA A 213 -7.34 -4.65 2.97
C ALA A 213 -6.31 -5.62 2.41
N ALA A 214 -6.03 -5.54 1.11
CA ALA A 214 -5.11 -6.49 0.46
C ALA A 214 -3.76 -6.51 1.16
N MET A 215 -3.18 -5.33 1.41
CA MET A 215 -1.95 -5.24 2.19
C MET A 215 -2.22 -4.65 3.57
N GLU A 216 -3.38 -4.96 4.15
CA GLU A 216 -3.61 -4.68 5.56
C GLU A 216 -2.62 -5.45 6.43
N ASN A 217 -2.20 -6.63 5.96
CA ASN A 217 -1.14 -7.38 6.63
C ASN A 217 0.10 -7.33 5.75
N MET A 218 0.77 -6.18 5.76
CA MET A 218 2.20 -6.22 5.48
C MET A 218 2.89 -6.92 6.64
N TYR A 219 4.12 -7.33 6.43
CA TYR A 219 4.75 -8.29 7.34
C TYR A 219 4.70 -7.79 8.78
N PRO A 220 4.31 -8.63 9.74
CA PRO A 220 3.96 -8.16 11.08
C PRO A 220 5.12 -8.15 12.07
N LEU A 221 4.95 -7.36 13.13
CA LEU A 221 5.99 -7.24 14.16
C LEU A 221 6.26 -8.57 14.82
N SER A 222 5.20 -9.20 15.35
CA SER A 222 5.31 -10.53 15.93
C SER A 222 5.88 -11.48 14.88
N GLY A 223 7.14 -11.86 15.04
CA GLY A 223 7.88 -12.57 14.02
C GLY A 223 9.07 -11.78 13.51
N VAL A 224 8.80 -10.65 12.85
CA VAL A 224 9.86 -9.81 12.28
C VAL A 224 10.65 -9.06 13.36
N TYR A 225 10.03 -8.79 14.52
CA TYR A 225 10.69 -8.11 15.62
C TYR A 225 10.43 -8.87 16.91
N ASP A 226 11.44 -8.98 17.76
CA ASP A 226 11.34 -9.75 19.00
C ASP A 226 11.02 -8.83 20.16
N PHE A 227 9.86 -9.04 20.77
CA PHE A 227 9.41 -8.23 21.90
C PHE A 227 9.67 -8.89 23.24
N SER A 228 10.48 -9.95 23.27
CA SER A 228 10.82 -10.58 24.53
C SER A 228 11.39 -9.57 25.52
N TRP A 229 12.28 -8.70 25.04
CA TRP A 229 12.84 -7.68 25.93
C TRP A 229 11.78 -6.74 26.48
N VAL A 230 10.65 -6.61 25.77
CA VAL A 230 9.58 -5.75 26.25
C VAL A 230 8.85 -6.42 27.41
N ALA A 231 8.75 -7.75 27.38
CA ALA A 231 8.14 -8.48 28.50
C ALA A 231 8.94 -8.30 29.78
N ALA A 232 10.27 -8.39 29.66
CA ALA A 232 11.12 -8.10 30.80
C ALA A 232 10.89 -6.69 31.33
N LYS A 233 10.74 -5.71 30.42
CA LYS A 233 10.41 -4.36 30.87
C LYS A 233 9.03 -4.31 31.50
N ALA A 234 8.09 -5.10 30.95
CA ALA A 234 6.72 -5.13 31.46
C ALA A 234 6.68 -5.64 32.90
N ALA A 235 7.54 -6.61 33.23
CA ALA A 235 7.62 -7.11 34.60
C ALA A 235 8.39 -6.16 35.51
N SER A 236 9.50 -5.58 35.01
CA SER A 236 10.31 -4.71 35.85
C SER A 236 9.58 -3.43 36.21
N ASP A 237 8.68 -2.96 35.35
CA ASP A 237 7.81 -1.83 35.70
C ASP A 237 6.39 -2.27 35.38
N SER A 238 5.66 -2.65 36.43
CA SER A 238 4.26 -3.04 36.34
C SER A 238 3.34 -1.87 35.99
N ASN A 239 3.83 -0.63 36.05
CA ASN A 239 3.01 0.56 35.87
C ASN A 239 3.12 1.19 34.48
N ARG A 240 4.19 0.84 33.67
CA ARG A 240 4.40 1.80 32.58
C ARG A 240 3.73 1.32 31.29
N PRO A 241 3.34 2.24 30.41
CA PRO A 241 2.82 1.84 29.10
C PRO A 241 3.81 0.95 28.36
N LEU A 242 3.28 -0.07 27.68
CA LEU A 242 4.16 -0.97 26.94
C LEU A 242 4.34 -0.50 25.49
N ILE A 243 3.37 -0.77 24.62
CA ILE A 243 3.48 -0.41 23.22
C ILE A 243 2.41 0.62 22.88
N VAL A 244 2.84 1.76 22.36
CA VAL A 244 1.96 2.81 21.87
C VAL A 244 2.00 2.76 20.34
N ASP A 245 0.87 2.43 19.71
CA ASP A 245 0.78 2.34 18.25
C ASP A 245 0.31 3.69 17.73
N VAL A 246 1.26 4.50 17.27
CA VAL A 246 0.98 5.89 16.89
C VAL A 246 0.39 5.91 15.49
N GLY A 247 -0.86 6.34 15.39
CA GLY A 247 -1.56 6.26 14.12
C GLY A 247 -1.82 4.83 13.70
N GLY A 248 -2.25 3.98 14.62
CA GLY A 248 -2.40 2.56 14.38
C GLY A 248 -3.73 2.13 13.80
N ALA A 249 -4.55 3.06 13.32
CA ALA A 249 -5.81 2.75 12.64
C ALA A 249 -6.74 1.94 13.53
N LYS A 250 -6.93 0.67 13.20
CA LYS A 250 -7.84 -0.16 13.97
C LYS A 250 -7.13 -1.07 14.96
N GLY A 251 -5.81 -0.92 15.08
CA GLY A 251 -5.07 -1.69 16.07
C GLY A 251 -4.88 -3.15 15.74
N HIS A 252 -4.89 -3.50 14.45
CA HIS A 252 -4.61 -4.88 14.06
C HIS A 252 -3.18 -5.26 14.44
N THR A 253 -2.22 -4.34 14.29
CA THR A 253 -0.83 -4.63 14.61
C THR A 253 -0.63 -4.89 16.10
N LEU A 254 -1.30 -4.12 16.96
CA LEU A 254 -1.20 -4.37 18.39
C LEU A 254 -1.80 -5.73 18.75
N GLN A 255 -3.01 -5.99 18.23
CA GLN A 255 -3.66 -7.27 18.49
C GLN A 255 -2.74 -8.42 18.11
N ALA A 256 -2.15 -8.36 16.91
CA ALA A 256 -1.26 -9.43 16.46
C ALA A 256 -0.07 -9.60 17.39
N ILE A 257 0.52 -8.50 17.85
CA ILE A 257 1.71 -8.58 18.70
C ILE A 257 1.40 -9.26 20.01
N CYS A 258 0.27 -8.90 20.62
CA CYS A 258 -0.08 -9.35 21.96
C CYS A 258 -0.84 -10.68 21.98
N LYS A 259 -1.37 -11.12 20.83
CA LYS A 259 -2.45 -12.11 20.78
C LYS A 259 -2.21 -13.29 21.72
N ASP A 260 -1.10 -14.00 21.55
CA ASP A 260 -0.83 -15.19 22.36
C ASP A 260 0.45 -15.03 23.18
N THR A 261 0.64 -13.86 23.76
CA THR A 261 1.76 -13.60 24.67
C THR A 261 1.19 -13.06 25.97
N PRO A 262 1.04 -13.90 27.00
CA PRO A 262 0.53 -13.39 28.28
C PRO A 262 1.43 -12.35 28.94
N ALA A 263 2.74 -12.38 28.69
CA ALA A 263 3.59 -11.31 29.18
C ALA A 263 3.46 -10.01 28.38
N LEU A 264 2.78 -10.03 27.23
CA LEU A 264 2.53 -8.83 26.43
C LEU A 264 1.05 -8.48 26.42
N PRO A 265 0.53 -7.89 27.51
CA PRO A 265 -0.93 -7.72 27.64
C PRO A 265 -1.43 -6.52 26.84
N ILE A 266 -2.40 -6.77 25.96
CA ILE A 266 -2.89 -5.69 25.10
C ILE A 266 -3.44 -4.55 25.95
N GLU A 267 -3.93 -4.86 27.15
CA GLU A 267 -4.51 -3.84 28.04
C GLU A 267 -3.47 -2.85 28.53
N ARG A 268 -2.19 -3.17 28.44
CA ARG A 268 -1.13 -2.25 28.80
C ARG A 268 -0.64 -1.44 27.61
N CYS A 269 -1.28 -1.59 26.45
CA CYS A 269 -0.88 -0.91 25.23
C CYS A 269 -1.91 0.13 24.85
N VAL A 270 -1.50 1.05 23.97
CA VAL A 270 -2.28 2.23 23.65
C VAL A 270 -2.37 2.35 22.14
N LEU A 271 -3.59 2.38 21.63
CA LEU A 271 -3.84 2.63 20.22
C LEU A 271 -4.21 4.11 20.07
N GLU A 272 -3.44 4.82 19.26
CA GLU A 272 -3.66 6.25 19.02
C GLU A 272 -3.98 6.49 17.56
N ASP A 273 -4.95 7.35 17.31
CA ASP A 273 -5.31 7.80 15.97
C ASP A 273 -6.20 9.01 16.15
N LEU A 274 -6.61 9.60 15.04
CA LEU A 274 -7.52 10.74 15.09
C LEU A 274 -8.80 10.36 15.84
N PRO A 275 -9.44 11.32 16.51
CA PRO A 275 -10.67 10.99 17.24
C PRO A 275 -11.75 10.36 16.38
N ARG A 276 -11.84 10.73 15.11
CA ARG A 276 -12.89 10.17 14.27
C ARG A 276 -12.69 8.67 14.04
N VAL A 277 -11.44 8.22 13.89
CA VAL A 277 -11.20 6.79 13.64
C VAL A 277 -11.26 6.01 14.94
N ILE A 278 -10.81 6.62 16.05
CA ILE A 278 -10.95 6.00 17.36
C ILE A 278 -12.42 5.76 17.69
N GLN A 279 -13.26 6.78 17.48
CA GLN A 279 -14.69 6.60 17.65
C GLN A 279 -15.21 5.43 16.84
N VAL A 280 -14.72 5.26 15.60
CA VAL A 280 -15.13 4.11 14.80
C VAL A 280 -14.60 2.81 15.40
N VAL A 281 -13.41 2.83 16.01
CA VAL A 281 -12.91 1.62 16.66
C VAL A 281 -13.89 1.19 17.75
N LYS A 282 -14.30 2.13 18.60
CA LYS A 282 -15.23 1.82 19.68
C LYS A 282 -16.58 1.36 19.14
N ASP A 283 -17.08 2.04 18.11
CA ASP A 283 -18.41 1.73 17.60
C ASP A 283 -18.45 0.39 16.87
N THR A 284 -17.30 -0.19 16.53
CA THR A 284 -17.26 -1.43 15.78
C THR A 284 -16.58 -2.55 16.57
N SER A 285 -16.46 -2.42 17.88
CA SER A 285 -15.80 -3.43 18.68
C SER A 285 -16.85 -4.20 19.49
N ASP A 286 -16.68 -5.53 19.57
CA ASP A 286 -17.59 -6.38 20.31
C ASP A 286 -17.43 -6.15 21.82
N ALA A 287 -18.55 -6.11 22.53
CA ALA A 287 -18.52 -5.92 23.98
C ALA A 287 -17.65 -6.96 24.65
N GLY A 288 -16.94 -6.54 25.70
CA GLY A 288 -16.09 -7.43 26.44
C GLY A 288 -14.89 -7.96 25.70
N ALA A 289 -14.64 -7.50 24.47
CA ALA A 289 -13.43 -7.91 23.80
C ALA A 289 -12.21 -7.28 24.49
N GLN A 290 -11.06 -7.92 24.33
CA GLN A 290 -9.83 -7.44 24.93
C GLN A 290 -9.25 -6.34 24.06
N ALA A 291 -9.10 -5.15 24.63
CA ALA A 291 -8.73 -4.00 23.82
C ALA A 291 -7.55 -3.28 24.44
N PRO A 292 -6.73 -2.63 23.62
CA PRO A 292 -5.77 -1.67 24.17
C PRO A 292 -6.51 -0.44 24.65
N GLN A 293 -5.82 0.38 25.44
CA GLN A 293 -6.35 1.71 25.66
C GLN A 293 -6.54 2.41 24.31
N LEU A 294 -7.56 3.26 24.23
CA LEU A 294 -7.88 3.99 23.02
C LEU A 294 -7.73 5.47 23.31
N LEU A 295 -7.05 6.18 22.42
CA LEU A 295 -6.72 7.59 22.64
C LEU A 295 -6.79 8.32 21.31
N GLY A 296 -7.76 9.22 21.17
CA GLY A 296 -7.82 10.09 20.01
C GLY A 296 -6.83 11.22 20.18
N MET A 297 -6.07 11.50 19.12
CA MET A 297 -5.00 12.50 19.22
C MET A 297 -4.55 12.88 17.82
N ASP A 298 -3.61 13.82 17.77
CA ASP A 298 -3.03 14.29 16.51
C ASP A 298 -1.52 14.17 16.66
N PHE A 299 -0.91 13.26 15.89
CA PHE A 299 0.52 13.08 16.09
C PHE A 299 1.36 14.23 15.51
N ASN A 300 0.76 15.28 14.98
CA ASN A 300 1.52 16.49 14.70
C ASN A 300 1.65 17.39 15.92
N GLN A 301 0.98 17.05 17.02
CA GLN A 301 1.09 17.76 18.30
C GLN A 301 1.63 16.82 19.36
N GLU A 302 1.90 17.37 20.54
CA GLU A 302 2.67 16.67 21.56
C GLU A 302 2.04 15.31 21.89
N GLN A 303 2.92 14.32 22.07
CA GLN A 303 2.50 12.93 22.29
C GLN A 303 2.00 12.76 23.71
N PRO A 304 0.75 12.33 23.91
CA PRO A 304 0.18 12.34 25.27
C PRO A 304 0.71 11.26 26.20
N VAL A 305 1.26 10.17 25.68
CA VAL A 305 1.67 9.04 26.51
C VAL A 305 3.18 9.10 26.69
N LYS A 306 3.63 9.28 27.93
CA LYS A 306 5.04 9.50 28.24
C LYS A 306 5.69 8.21 28.74
N GLY A 307 6.95 8.03 28.38
CA GLY A 307 7.76 6.97 28.92
C GLY A 307 7.37 5.56 28.55
N ALA A 308 6.61 5.35 27.45
CA ALA A 308 6.29 3.97 27.09
C ALA A 308 7.57 3.21 26.73
N VAL A 309 7.46 1.88 26.71
CA VAL A 309 8.58 1.04 26.31
C VAL A 309 8.84 1.17 24.80
N VAL A 310 7.77 1.06 24.00
CA VAL A 310 7.87 1.04 22.54
C VAL A 310 6.86 2.03 21.97
N TYR A 311 7.33 2.92 21.12
CA TYR A 311 6.48 3.72 20.24
C TYR A 311 6.59 3.18 18.82
N LEU A 312 5.45 2.87 18.24
CA LEU A 312 5.37 2.28 16.91
C LEU A 312 4.65 3.28 16.03
N ILE A 313 5.29 3.68 14.92
CA ILE A 313 4.63 4.51 13.89
C ILE A 313 4.81 3.79 12.55
N ARG A 314 3.75 3.12 12.11
CA ARG A 314 3.79 2.19 11.00
C ARG A 314 3.05 2.80 9.83
N ARG A 315 3.74 2.95 8.70
CA ARG A 315 3.10 3.40 7.46
C ARG A 315 2.41 4.75 7.64
N CYS A 316 3.05 5.64 8.40
CA CYS A 316 2.56 7.02 8.50
C CYS A 316 3.50 8.04 7.91
N LEU A 317 4.80 7.90 8.17
CA LEU A 317 5.76 8.93 7.78
C LEU A 317 5.84 9.11 6.27
N HIS A 318 5.52 8.07 5.49
CA HIS A 318 5.66 8.17 4.04
C HIS A 318 4.61 9.08 3.40
N ASP A 319 3.61 9.54 4.17
CA ASP A 319 2.62 10.48 3.68
C ASP A 319 3.10 11.93 3.73
N TYR A 320 4.30 12.21 4.24
CA TYR A 320 4.67 13.57 4.68
C TYR A 320 6.07 13.97 4.23
N SER A 321 6.27 15.28 4.14
CA SER A 321 7.59 15.83 3.87
C SER A 321 8.56 15.51 5.01
N ASP A 322 9.86 15.63 4.71
CA ASP A 322 10.87 15.50 5.76
C ASP A 322 10.58 16.42 6.93
N GLU A 323 10.21 17.66 6.62
CA GLU A 323 10.00 18.65 7.66
C GLU A 323 8.83 18.28 8.57
N GLN A 324 7.73 17.78 8.00
CA GLN A 324 6.64 17.33 8.85
C GLN A 324 7.02 16.08 9.63
N CYS A 325 7.79 15.18 9.00
CA CYS A 325 8.27 13.97 9.69
C CYS A 325 9.16 14.33 10.88
N VAL A 326 9.98 15.37 10.75
CA VAL A 326 10.81 15.81 11.87
C VAL A 326 9.94 16.28 13.02
N ARG A 327 8.89 17.04 12.73
CA ARG A 327 7.99 17.50 13.79
C ARG A 327 7.29 16.34 14.48
N ILE A 328 6.79 15.38 13.69
CA ILE A 328 6.16 14.18 14.26
C ILE A 328 7.14 13.40 15.13
N LEU A 329 8.34 13.13 14.61
CA LEU A 329 9.30 12.36 15.38
C LEU A 329 9.78 13.13 16.60
N GLY A 330 9.87 14.46 16.50
CA GLY A 330 10.28 15.24 17.66
C GLY A 330 9.36 15.06 18.85
N HIS A 331 8.04 15.10 18.61
CA HIS A 331 7.09 14.87 19.70
C HIS A 331 7.30 13.49 20.33
N LEU A 332 7.55 12.47 19.50
CA LEU A 332 7.78 11.14 20.07
C LEU A 332 9.07 11.12 20.90
N ALA A 333 10.14 11.74 20.39
CA ALA A 333 11.42 11.74 21.10
C ALA A 333 11.30 12.38 22.47
N ALA A 334 10.57 13.50 22.56
CA ALA A 334 10.43 14.19 23.84
C ALA A 334 9.60 13.37 24.83
N ALA A 335 8.63 12.59 24.34
CA ALA A 335 7.84 11.74 25.21
C ALA A 335 8.57 10.48 25.63
N MET A 336 9.59 10.07 24.88
CA MET A 336 10.27 8.82 25.14
C MET A 336 11.21 8.94 26.34
N ALA A 337 11.37 7.82 27.05
CA ALA A 337 12.37 7.65 28.09
C ALA A 337 13.68 7.17 27.47
N ALA A 338 14.73 7.16 28.30
CA ALA A 338 16.06 6.80 27.84
C ALA A 338 16.11 5.39 27.30
N ASP A 339 15.37 4.48 27.90
CA ASP A 339 15.35 3.10 27.45
C ASP A 339 14.20 2.81 26.47
N SER A 340 13.43 3.82 26.06
CA SER A 340 12.36 3.60 25.06
C SER A 340 12.95 3.40 23.66
N VAL A 341 12.21 2.65 22.83
CA VAL A 341 12.55 2.54 21.42
C VAL A 341 11.38 3.08 20.61
N LEU A 342 11.72 3.63 19.45
CA LEU A 342 10.75 4.04 18.44
C LEU A 342 10.96 3.14 17.23
N LEU A 343 9.91 2.48 16.80
CA LEU A 343 9.94 1.60 15.63
C LEU A 343 9.21 2.30 14.49
N ILE A 344 9.93 2.54 13.40
CA ILE A 344 9.35 3.14 12.19
C ILE A 344 9.13 2.00 11.22
N GLY A 345 7.86 1.68 10.95
CA GLY A 345 7.53 0.66 9.98
C GLY A 345 7.31 1.28 8.62
N GLU A 346 8.27 1.10 7.70
CA GLU A 346 8.19 1.69 6.37
C GLU A 346 8.98 0.84 5.39
N THR A 347 8.68 1.00 4.10
CA THR A 347 9.62 0.58 3.07
C THR A 347 10.90 1.38 3.23
N VAL A 348 12.04 0.72 3.10
CA VAL A 348 13.32 1.38 3.04
C VAL A 348 13.88 1.13 1.64
N LEU A 349 13.84 2.16 0.80
CA LEU A 349 14.32 2.04 -0.57
C LEU A 349 15.82 1.71 -0.57
N THR A 350 16.19 0.78 -1.44
CA THR A 350 17.60 0.62 -1.78
C THR A 350 17.97 1.71 -2.79
N ASN A 351 19.27 1.92 -2.96
CA ASN A 351 19.75 2.92 -3.92
C ASN A 351 20.54 2.24 -5.02
N PRO A 352 19.96 1.99 -6.22
CA PRO A 352 18.60 2.33 -6.71
C PRO A 352 17.48 1.46 -6.13
N PRO A 353 16.24 1.94 -6.16
CA PRO A 353 15.13 1.17 -5.61
C PRO A 353 14.64 0.09 -6.55
N SER A 354 13.90 -0.86 -5.98
CA SER A 354 13.24 -1.89 -6.75
C SER A 354 12.08 -1.30 -7.57
N ARG A 355 11.65 -2.06 -8.59
CA ARG A 355 10.52 -1.68 -9.43
C ARG A 355 9.29 -1.33 -8.59
N PRO A 356 8.79 -2.25 -7.75
CA PRO A 356 7.54 -1.94 -7.04
C PRO A 356 7.67 -0.81 -6.03
N THR A 357 8.85 -0.58 -5.47
CA THR A 357 8.94 0.52 -4.52
C THR A 357 9.17 1.84 -5.23
N ALA A 358 9.91 1.83 -6.35
CA ALA A 358 9.94 3.00 -7.21
C ALA A 358 8.55 3.36 -7.68
N MET A 359 7.75 2.35 -8.05
CA MET A 359 6.38 2.64 -8.48
C MET A 359 5.59 3.31 -7.35
N MET A 360 5.62 2.73 -6.15
CA MET A 360 4.86 3.32 -5.04
C MET A 360 5.37 4.73 -4.71
N ASP A 361 6.69 4.93 -4.78
CA ASP A 361 7.25 6.26 -4.55
C ASP A 361 6.55 7.34 -5.39
N ILE A 362 6.32 7.07 -6.67
CA ILE A 362 5.64 8.06 -7.52
C ILE A 362 4.15 8.12 -7.20
N LEU A 363 3.52 6.98 -6.89
CA LEU A 363 2.12 7.05 -6.51
C LEU A 363 1.95 7.93 -5.27
N LEU A 364 2.85 7.81 -4.30
CA LEU A 364 2.76 8.63 -3.10
C LEU A 364 2.92 10.11 -3.41
N ALA A 365 3.74 10.44 -4.40
CA ALA A 365 3.85 11.84 -4.82
C ALA A 365 2.51 12.42 -5.25
N THR A 366 1.63 11.62 -5.88
CA THR A 366 0.32 12.15 -6.26
C THR A 366 -0.51 12.57 -5.05
N ILE A 367 -0.19 12.07 -3.86
CA ILE A 367 -0.93 12.43 -2.66
C ILE A 367 -0.06 13.15 -1.63
N GLY A 368 1.13 13.59 -2.03
CA GLY A 368 1.96 14.42 -1.17
C GLY A 368 2.94 13.67 -0.31
N GLY A 369 3.31 12.44 -0.67
CA GLY A 369 4.26 11.67 0.11
C GLY A 369 5.42 11.13 -0.69
N LYS A 370 6.23 10.26 -0.07
CA LYS A 370 7.42 9.69 -0.69
C LYS A 370 7.87 8.49 0.12
N GLU A 371 8.56 7.57 -0.56
CA GLU A 371 9.38 6.57 0.10
C GLU A 371 10.79 7.10 0.29
N ARG A 372 11.57 6.44 1.14
CA ARG A 372 12.89 6.94 1.51
C ARG A 372 13.91 5.82 1.62
N THR A 373 15.14 6.13 1.25
CA THR A 373 16.31 5.31 1.59
C THR A 373 16.60 5.41 3.08
N ILE A 374 17.51 4.55 3.54
CA ILE A 374 17.94 4.60 4.94
C ILE A 374 18.70 5.88 5.22
N ASP A 375 19.36 6.47 4.21
CA ASP A 375 20.04 7.75 4.43
C ASP A 375 19.05 8.86 4.68
N ALA A 376 17.96 8.89 3.89
CA ALA A 376 16.93 9.90 4.08
C ALA A 376 16.23 9.75 5.43
N PHE A 377 15.93 8.52 5.85
CA PHE A 377 15.37 8.31 7.20
C PHE A 377 16.37 8.77 8.27
N GLY A 378 17.65 8.46 8.09
CA GLY A 378 18.64 8.85 9.07
C GLY A 378 18.75 10.36 9.22
N ALA A 379 18.58 11.09 8.12
CA ALA A 379 18.61 12.55 8.22
C ALA A 379 17.43 13.05 9.05
N VAL A 380 16.25 12.50 8.80
CA VAL A 380 15.03 12.93 9.49
C VAL A 380 15.06 12.51 10.96
N VAL A 381 15.46 11.26 11.21
CA VAL A 381 15.56 10.76 12.57
C VAL A 381 16.55 11.59 13.39
N GLY A 382 17.73 11.86 12.84
CA GLY A 382 18.74 12.67 13.53
C GLY A 382 18.24 14.07 13.86
N ARG A 383 17.47 14.69 12.95
CA ARG A 383 16.94 16.02 13.17
C ARG A 383 15.89 16.04 14.27
N ALA A 384 15.30 14.90 14.57
CA ALA A 384 14.36 14.80 15.66
C ALA A 384 15.05 14.43 16.97
N GLY A 385 16.38 14.42 17.00
CA GLY A 385 17.10 14.03 18.20
C GLY A 385 17.08 12.54 18.48
N LEU A 386 16.92 11.72 17.45
CA LEU A 386 16.98 10.28 17.61
C LEU A 386 18.19 9.77 16.84
N ARG A 387 18.47 8.48 17.01
CA ARG A 387 19.48 7.83 16.19
C ARG A 387 18.99 6.43 15.87
N ILE A 388 19.40 5.95 14.70
CA ILE A 388 18.99 4.63 14.24
C ILE A 388 19.93 3.62 14.88
N LYS A 389 19.38 2.75 15.72
CA LYS A 389 20.12 1.70 16.40
C LYS A 389 20.18 0.40 15.60
N GLY A 390 19.17 0.12 14.78
CA GLY A 390 19.24 -1.01 13.87
C GLY A 390 18.00 -1.05 13.00
N VAL A 391 18.02 -1.96 12.03
CA VAL A 391 16.92 -2.14 11.08
C VAL A 391 16.62 -3.62 10.93
N CYS A 392 15.36 -4.01 11.06
CA CYS A 392 14.92 -5.38 10.75
C CYS A 392 14.13 -5.33 9.46
N LYS A 393 14.64 -5.98 8.42
CA LYS A 393 14.03 -5.95 7.09
C LYS A 393 13.24 -7.23 6.84
N GLN A 394 12.07 -7.08 6.22
CA GLN A 394 11.29 -8.23 5.80
C GLN A 394 12.07 -9.10 4.82
N GLU A 395 11.81 -10.40 4.86
CA GLU A 395 12.40 -11.32 3.91
C GLU A 395 11.74 -11.16 2.55
N GLY A 396 12.55 -11.04 1.51
CA GLY A 396 12.01 -10.94 0.16
C GLY A 396 11.37 -9.63 -0.17
N GLY A 397 11.64 -8.59 0.61
CA GLY A 397 11.13 -7.27 0.32
C GLY A 397 11.96 -6.22 1.04
N ASP A 398 11.48 -4.98 0.97
CA ASP A 398 12.17 -3.84 1.56
C ASP A 398 11.42 -3.22 2.73
N PHE A 399 10.20 -3.68 3.03
CA PHE A 399 9.48 -3.17 4.19
C PHE A 399 10.26 -3.53 5.45
N SER A 400 10.53 -2.53 6.30
CA SER A 400 11.42 -2.72 7.43
C SER A 400 10.85 -2.04 8.67
N TYR A 401 11.40 -2.44 9.81
CA TYR A 401 11.24 -1.70 11.06
C TYR A 401 12.56 -1.06 11.41
N ILE A 402 12.57 0.26 11.46
CA ILE A 402 13.77 0.99 11.81
C ILE A 402 13.68 1.25 13.31
N GLU A 403 14.61 0.67 14.06
CA GLU A 403 14.65 0.83 15.51
C GLU A 403 15.46 2.06 15.89
N CYS A 404 14.81 3.02 16.54
CA CYS A 404 15.44 4.27 16.91
C CYS A 404 15.37 4.47 18.43
N VAL A 405 16.36 5.18 18.96
CA VAL A 405 16.42 5.54 20.37
C VAL A 405 16.86 7.00 20.46
N LYS A 406 16.69 7.57 21.65
CA LYS A 406 17.05 8.98 21.84
C LYS A 406 18.55 9.17 21.67
N ALA A 407 18.94 10.29 21.07
CA ALA A 407 20.35 10.49 20.74
C ALA A 407 21.14 10.88 21.99
#